data_6BOQ
#
_entry.id   6BOQ
#
_cell.length_a   44.296
_cell.length_b   60.946
_cell.length_c   73.293
_cell.angle_alpha   83.44
_cell.angle_beta   78.29
_cell.angle_gamma   87.53
#
_symmetry.space_group_name_H-M   'P 1'
#
loop_
_entity.id
_entity.type
_entity.pdbx_description
1 polymer 'DNA-(apurinic or apyrimidinic site) lyase'
2 polymer '21-mer DNA'
3 polymer '21-mer DNA'
4 non-polymer 1,2-ETHANEDIOL
5 water water
#
loop_
_entity_poly.entity_id
_entity_poly.type
_entity_poly.pdbx_seq_one_letter_code
_entity_poly.pdbx_strand_id
1 'polypeptide(L)'
;MPKRGKKGAVAEDGDELRTEPEAKKSKTAAKKNDKEAAGEGPALYEDPPDQKTSPSGKPATLKICSWNVDGLRAWIKKKG
LDWVKEEAPDILCLQETKCSENKLPAELQELPGLSHQYWSAPSDKEGYSGVGLLSRQAPLKVSYGIGDEEHDQEGRVIVA
EFDSFVLVTAYVPNAGRGLVRLEYRQRWDEAFRKFLKGLASRKPLVLCGDLNVAHEEIDLRNPKGNKKNAGFTPQERQGF
GELLQAVPLADSFRHLYPNTPYAYTFWTYMMNARSKNVGWRLDYFLLSHSLLPALCDSKIRSKALGSDHCPITLYLAL
;
A,B
2 'polydeoxyribonucleotide'
;(DG)(DC)(DT)(DG)(DA)(DT)(DG)(DC)(DG)(DA)(DV3)(DC)(DG)(DA)(DC)(DG)(DG)(DA)(DT)
(DC)(DC)
;
D
3 'polydeoxyribonucleotide'
;(DG)(DG)(DA)(DT)(DC)(DC)(DG)(DT)(DC)(DG)(DA)(DA)(DC)(DG)(DC)(DA)(DT)(DC)(DA)(DG)
(DC)
;
V
#
loop_
_chem_comp.id
_chem_comp.type
_chem_comp.name
_chem_comp.formula
DA DNA linking 2'-DEOXYADENOSINE-5'-MONOPHOSPHATE 'C10 H14 N5 O6 P'
DC DNA linking 2'-DEOXYCYTIDINE-5'-MONOPHOSPHATE 'C9 H14 N3 O7 P'
DG DNA linking 2'-DEOXYGUANOSINE-5'-MONOPHOSPHATE 'C10 H14 N5 O7 P'
DT DNA linking THYMIDINE-5'-MONOPHOSPHATE 'C10 H15 N2 O8 P'
DV3 non-polymer 1,4-anhydro-2-deoxy-5-O-thiophosphono-D-erythro-pentitol 'C5 H11 O5 P S'
EDO non-polymer 1,2-ETHANEDIOL 'C2 H6 O2'
#
# COMPACT_ATOMS: atom_id res chain seq x y z
N ALA A 43 12.51 -28.32 30.08
CA ALA A 43 11.54 -29.37 29.84
C ALA A 43 10.88 -29.10 28.51
N LEU A 44 10.61 -30.14 27.74
CA LEU A 44 9.84 -29.99 26.51
C LEU A 44 8.41 -29.52 26.83
N TYR A 45 7.71 -29.11 25.78
CA TYR A 45 6.34 -28.62 25.87
C TYR A 45 5.50 -29.27 24.78
N GLU A 46 4.24 -29.58 25.09
CA GLU A 46 3.28 -30.09 24.11
C GLU A 46 2.03 -29.24 24.24
N ASP A 47 1.71 -28.52 23.17
CA ASP A 47 0.55 -27.66 23.18
C ASP A 47 -0.69 -28.54 23.39
N PRO A 48 -1.62 -28.14 24.25
CA PRO A 48 -2.87 -28.94 24.44
C PRO A 48 -3.69 -29.03 23.16
N PRO A 49 -4.64 -29.95 23.11
CA PRO A 49 -5.46 -30.08 21.90
C PRO A 49 -6.22 -28.80 21.59
N ASP A 50 -6.51 -28.62 20.31
CA ASP A 50 -7.28 -27.48 19.85
C ASP A 50 -8.65 -27.46 20.52
N GLN A 51 -9.00 -26.33 21.13
CA GLN A 51 -10.31 -26.13 21.72
C GLN A 51 -11.13 -25.28 20.75
N LYS A 52 -12.05 -25.91 20.02
CA LYS A 52 -12.73 -25.19 18.95
C LYS A 52 -14.11 -24.69 19.35
N THR A 53 -14.40 -24.67 20.66
CA THR A 53 -15.68 -24.21 21.17
CA THR A 53 -15.68 -24.22 21.17
C THR A 53 -15.42 -23.23 22.31
N SER A 54 -16.14 -22.11 22.28
CA SER A 54 -15.96 -21.08 23.29
C SER A 54 -16.46 -21.59 24.65
N PRO A 55 -15.97 -21.01 25.76
CA PRO A 55 -16.37 -21.54 27.08
C PRO A 55 -17.87 -21.65 27.25
N SER A 56 -18.64 -20.82 26.53
CA SER A 56 -20.10 -20.83 26.54
C SER A 56 -20.69 -21.94 25.65
N GLY A 57 -19.89 -22.57 24.80
CA GLY A 57 -20.37 -23.66 23.97
C GLY A 57 -20.51 -23.35 22.48
N LYS A 58 -20.14 -22.08 22.00
CA LYS A 58 -20.33 -21.74 20.59
C LYS A 58 -19.15 -22.20 19.75
N PRO A 59 -19.34 -22.52 18.47
CA PRO A 59 -18.24 -23.09 17.70
C PRO A 59 -17.40 -21.99 17.06
N ALA A 60 -16.10 -22.24 16.99
CA ALA A 60 -15.20 -21.31 16.31
C ALA A 60 -15.64 -21.14 14.86
N THR A 61 -15.62 -19.88 14.36
CA THR A 61 -15.94 -19.60 12.97
C THR A 61 -14.79 -18.89 12.23
N LEU A 62 -13.71 -18.56 12.94
CA LEU A 62 -12.62 -17.79 12.36
C LEU A 62 -11.33 -18.36 12.91
N LYS A 63 -10.39 -18.66 12.02
CA LYS A 63 -9.11 -19.24 12.40
C LYS A 63 -8.02 -18.33 11.87
N ILE A 64 -7.20 -17.76 12.77
CA ILE A 64 -6.16 -16.80 12.35
C ILE A 64 -4.80 -17.34 12.75
N CYS A 65 -3.85 -17.25 11.84
CA CYS A 65 -2.52 -17.78 12.09
C CYS A 65 -1.51 -16.66 11.91
N SER A 66 -0.51 -16.63 12.77
CA SER A 66 0.50 -15.58 12.69
C SER A 66 1.86 -16.23 12.75
N TRP A 67 2.80 -15.76 11.91
CA TRP A 67 4.05 -16.48 11.80
C TRP A 67 5.16 -15.51 11.41
N ASN A 68 6.16 -15.35 12.27
CA ASN A 68 7.41 -14.69 11.86
C ASN A 68 8.22 -15.71 11.07
N VAL A 69 8.26 -15.54 9.75
CA VAL A 69 8.87 -16.55 8.90
C VAL A 69 10.37 -16.32 8.74
N ASP A 70 10.90 -15.22 9.26
CA ASP A 70 12.34 -14.93 9.21
C ASP A 70 12.95 -15.21 7.83
N GLY A 71 12.46 -14.47 6.82
CA GLY A 71 12.90 -14.66 5.47
C GLY A 71 11.90 -15.46 4.68
N LEU A 72 10.99 -14.76 4.00
CA LEU A 72 9.85 -15.42 3.37
C LEU A 72 10.30 -16.39 2.29
N ARG A 73 11.26 -15.96 1.45
CA ARG A 73 11.75 -16.84 0.40
C ARG A 73 12.43 -18.08 0.99
N ALA A 74 13.25 -17.91 2.03
CA ALA A 74 13.82 -19.08 2.72
C ALA A 74 12.71 -19.95 3.30
N TRP A 75 11.77 -19.32 3.98
CA TRP A 75 10.66 -20.06 4.59
C TRP A 75 9.91 -20.89 3.57
N ILE A 76 9.66 -20.32 2.39
CA ILE A 76 8.94 -21.04 1.33
C ILE A 76 9.75 -22.25 0.85
N LYS A 77 11.06 -22.09 0.70
CA LYS A 77 11.89 -23.23 0.31
C LYS A 77 11.91 -24.31 1.40
N LYS A 78 11.72 -23.93 2.66
CA LYS A 78 11.69 -24.91 3.74
C LYS A 78 10.28 -25.44 3.99
N LYS A 79 9.40 -25.35 3.01
CA LYS A 79 8.08 -26.00 3.01
C LYS A 79 7.10 -25.35 3.98
N GLY A 80 7.39 -24.09 4.34
CA GLY A 80 6.49 -23.35 5.22
C GLY A 80 5.08 -23.28 4.67
N LEU A 81 4.94 -23.09 3.36
CA LEU A 81 3.60 -22.99 2.78
C LEU A 81 2.83 -24.31 2.83
N ASP A 82 3.53 -25.45 2.80
CA ASP A 82 2.79 -26.71 2.94
C ASP A 82 2.22 -26.81 4.35
N TRP A 83 2.88 -26.20 5.33
CA TRP A 83 2.29 -26.21 6.66
C TRP A 83 1.09 -25.28 6.73
N VAL A 84 1.17 -24.11 6.07
CA VAL A 84 0.02 -23.20 6.06
C VAL A 84 -1.22 -23.89 5.47
N LYS A 85 -1.04 -24.59 4.35
CA LYS A 85 -2.16 -25.28 3.72
C LYS A 85 -2.77 -26.32 4.65
N GLU A 86 -1.93 -27.03 5.41
CA GLU A 86 -2.45 -27.97 6.40
C GLU A 86 -3.25 -27.24 7.49
N GLU A 87 -2.80 -26.04 7.91
CA GLU A 87 -3.48 -25.29 8.96
C GLU A 87 -4.76 -24.64 8.47
N ALA A 88 -4.81 -24.32 7.19
CA ALA A 88 -6.02 -23.84 6.52
C ALA A 88 -6.67 -22.67 7.29
N PRO A 89 -5.92 -21.64 7.63
CA PRO A 89 -6.52 -20.54 8.37
C PRO A 89 -7.34 -19.66 7.45
N ASP A 90 -8.28 -18.93 8.06
CA ASP A 90 -9.01 -17.89 7.33
C ASP A 90 -8.15 -16.67 6.98
N ILE A 91 -7.23 -16.35 7.87
CA ILE A 91 -6.39 -15.18 7.72
C ILE A 91 -5.01 -15.61 8.17
N LEU A 92 -3.98 -15.12 7.46
CA LEU A 92 -2.61 -15.46 7.80
C LEU A 92 -1.80 -14.18 7.78
N CYS A 93 -1.06 -13.94 8.88
CA CYS A 93 -0.23 -12.75 9.07
C CYS A 93 1.22 -13.20 9.16
N LEU A 94 2.10 -12.56 8.41
CA LEU A 94 3.49 -12.96 8.38
C LEU A 94 4.37 -11.78 8.79
N GLN A 95 5.44 -12.05 9.52
CA GLN A 95 6.35 -10.98 9.91
C GLN A 95 7.76 -11.32 9.47
N GLU A 96 8.63 -10.30 9.40
CA GLU A 96 10.01 -10.45 8.93
C GLU A 96 10.05 -11.22 7.61
N THR A 97 9.32 -10.72 6.61
CA THR A 97 9.36 -11.40 5.33
C THR A 97 10.67 -11.13 4.59
N LYS A 98 11.29 -9.99 4.84
CA LYS A 98 12.55 -9.63 4.16
C LYS A 98 12.44 -9.79 2.65
N CYS A 99 11.39 -9.24 2.05
CA CYS A 99 11.13 -9.52 0.65
C CYS A 99 10.16 -8.50 0.09
N SER A 100 10.58 -7.72 -0.90
CA SER A 100 9.63 -6.79 -1.50
C SER A 100 8.63 -7.55 -2.37
N GLU A 101 7.52 -6.87 -2.68
CA GLU A 101 6.40 -7.53 -3.31
C GLU A 101 6.76 -8.12 -4.67
N ASN A 102 7.54 -7.39 -5.47
CA ASN A 102 7.87 -7.90 -6.79
C ASN A 102 8.62 -9.23 -6.71
N LYS A 103 9.22 -9.55 -5.56
CA LYS A 103 10.00 -10.79 -5.40
C LYS A 103 9.25 -11.92 -4.68
N LEU A 104 7.98 -11.76 -4.34
CA LEU A 104 7.22 -12.85 -3.74
C LEU A 104 7.22 -14.05 -4.67
N PRO A 105 7.55 -15.23 -4.20
CA PRO A 105 7.57 -16.39 -5.08
C PRO A 105 6.18 -16.75 -5.57
N ALA A 106 6.16 -17.38 -6.76
CA ALA A 106 4.91 -17.64 -7.45
C ALA A 106 3.94 -18.49 -6.64
N GLU A 107 4.47 -19.38 -5.76
CA GLU A 107 3.62 -20.18 -4.87
C GLU A 107 2.57 -19.32 -4.16
N LEU A 108 2.93 -18.07 -3.81
CA LEU A 108 2.00 -17.22 -3.09
C LEU A 108 0.78 -16.84 -3.91
N GLN A 109 0.88 -16.88 -5.25
CA GLN A 109 -0.26 -16.72 -6.13
C GLN A 109 -1.12 -17.95 -6.27
N GLU A 110 -0.72 -19.08 -5.70
CA GLU A 110 -1.51 -20.29 -5.82
C GLU A 110 -2.21 -20.64 -4.51
N LEU A 111 -2.61 -19.63 -3.76
CA LEU A 111 -3.33 -19.85 -2.51
C LEU A 111 -4.76 -19.38 -2.73
N PRO A 112 -5.67 -20.28 -3.12
CA PRO A 112 -7.05 -19.86 -3.43
C PRO A 112 -7.88 -19.54 -2.19
N GLY A 113 -7.56 -20.15 -1.06
CA GLY A 113 -8.22 -19.81 0.18
C GLY A 113 -7.64 -18.61 0.90
N LEU A 114 -6.61 -17.99 0.35
CA LEU A 114 -5.94 -16.86 0.98
C LEU A 114 -5.56 -15.86 -0.10
N SER A 115 -6.53 -15.46 -0.90
CA SER A 115 -6.25 -14.78 -2.15
C SER A 115 -6.22 -13.27 -2.03
N HIS A 116 -6.66 -12.70 -0.93
CA HIS A 116 -6.58 -11.26 -0.75
C HIS A 116 -5.34 -10.99 0.11
N GLN A 117 -4.31 -10.43 -0.53
CA GLN A 117 -2.97 -10.34 0.04
C GLN A 117 -2.50 -8.90 0.03
N TYR A 118 -1.90 -8.49 1.16
CA TYR A 118 -1.45 -7.13 1.43
C TYR A 118 -0.04 -7.25 1.99
N TRP A 119 0.91 -6.56 1.37
CA TRP A 119 2.31 -6.72 1.70
C TRP A 119 2.92 -5.35 1.99
N SER A 120 3.83 -5.31 2.95
CA SER A 120 4.45 -4.04 3.31
C SER A 120 5.89 -4.26 3.78
N ALA A 121 6.84 -3.63 3.07
CA ALA A 121 8.29 -3.70 3.24
C ALA A 121 8.88 -2.31 3.44
N PRO A 122 10.00 -2.18 4.18
CA PRO A 122 10.64 -0.86 4.36
C PRO A 122 11.17 -0.27 3.06
N ASP A 124 13.73 1.75 2.74
CA ASP A 124 15.14 2.11 2.88
C ASP A 124 16.01 0.86 2.95
N LYS A 125 15.79 0.04 3.99
CA LYS A 125 16.58 -1.16 4.24
C LYS A 125 15.87 -2.37 3.61
N GLU A 126 16.07 -2.55 2.31
CA GLU A 126 15.56 -3.74 1.64
C GLU A 126 16.26 -4.97 2.22
N GLY A 127 15.50 -6.06 2.38
CA GLY A 127 16.00 -7.30 2.96
C GLY A 127 15.83 -7.44 4.45
N TYR A 128 15.31 -6.42 5.16
CA TYR A 128 15.02 -6.47 6.59
C TYR A 128 13.52 -6.23 6.80
N SER A 129 13.00 -6.65 7.96
CA SER A 129 11.62 -6.31 8.31
C SER A 129 10.65 -6.82 7.24
N GLY A 130 9.48 -6.19 7.10
CA GLY A 130 8.48 -6.52 6.09
C GLY A 130 7.40 -7.42 6.67
N VAL A 131 6.12 -7.13 6.42
CA VAL A 131 5.01 -7.92 6.97
C VAL A 131 3.98 -8.15 5.87
N GLY A 132 3.08 -9.08 6.13
CA GLY A 132 2.12 -9.48 5.13
C GLY A 132 0.84 -9.91 5.81
N LEU A 133 -0.29 -9.76 5.10
CA LEU A 133 -1.58 -10.23 5.61
C LEU A 133 -2.32 -10.83 4.43
N LEU A 134 -2.77 -12.07 4.60
CA LEU A 134 -3.43 -12.85 3.55
C LEU A 134 -4.76 -13.31 4.14
N SER A 135 -5.85 -13.22 3.36
CA SER A 135 -7.14 -13.54 3.93
CA SER A 135 -7.18 -13.44 3.90
C SER A 135 -8.06 -14.15 2.90
N ARG A 136 -8.91 -15.07 3.40
CA ARG A 136 -9.92 -15.71 2.58
C ARG A 136 -10.88 -14.69 1.99
N GLN A 137 -11.40 -13.80 2.83
CA GLN A 137 -12.32 -12.77 2.41
C GLN A 137 -11.59 -11.43 2.35
N ALA A 138 -12.03 -10.58 1.43
CA ALA A 138 -11.52 -9.22 1.36
C ALA A 138 -11.84 -8.49 2.67
N PRO A 139 -10.89 -7.75 3.22
CA PRO A 139 -11.22 -6.85 4.32
C PRO A 139 -12.02 -5.66 3.81
N LEU A 140 -12.65 -4.96 4.74
CA LEU A 140 -13.33 -3.72 4.38
C LEU A 140 -12.35 -2.60 4.05
N LYS A 141 -11.26 -2.52 4.81
CA LYS A 141 -10.26 -1.46 4.67
C LYS A 141 -8.91 -2.05 5.02
N VAL A 142 -7.86 -1.56 4.35
CA VAL A 142 -6.48 -1.90 4.70
C VAL A 142 -5.68 -0.61 4.73
N SER A 143 -4.82 -0.47 5.74
CA SER A 143 -3.85 0.62 5.81
C SER A 143 -2.52 0.05 6.30
N TYR A 144 -1.46 0.88 6.24
CA TYR A 144 -0.09 0.48 6.57
C TYR A 144 0.52 1.52 7.49
N GLY A 145 1.30 1.06 8.45
CA GLY A 145 2.00 1.97 9.35
C GLY A 145 1.16 2.32 10.55
N ILE A 146 1.72 3.18 11.39
CA ILE A 146 1.02 3.53 12.63
C ILE A 146 0.70 5.01 12.63
N GLY A 147 0.54 5.58 11.45
CA GLY A 147 0.17 6.97 11.27
C GLY A 147 1.35 7.92 11.22
N ASP A 148 2.38 7.66 12.03
CA ASP A 148 3.62 8.44 12.10
C ASP A 148 4.13 8.95 10.76
N GLN A 153 7.28 4.47 5.61
CA GLN A 153 7.31 3.10 5.11
C GLN A 153 8.39 2.28 5.83
N GLU A 154 8.10 1.97 7.10
CA GLU A 154 8.93 1.10 7.92
C GLU A 154 8.62 -0.39 7.70
N GLY A 155 7.45 -0.67 7.13
CA GLY A 155 7.03 -2.03 6.80
C GLY A 155 6.88 -2.93 8.00
N ARG A 156 6.26 -2.43 9.09
CA ARG A 156 6.13 -3.22 10.32
C ARG A 156 4.69 -3.48 10.73
N VAL A 157 3.72 -2.76 10.19
CA VAL A 157 2.33 -2.83 10.68
C VAL A 157 1.36 -2.85 9.51
N ILE A 158 0.37 -3.77 9.55
CA ILE A 158 -0.74 -3.75 8.63
C ILE A 158 -2.01 -3.75 9.46
N VAL A 159 -2.96 -2.88 9.11
CA VAL A 159 -4.25 -2.78 9.79
C VAL A 159 -5.31 -3.18 8.80
N ALA A 160 -6.18 -4.11 9.19
CA ALA A 160 -7.23 -4.59 8.30
C ALA A 160 -8.55 -4.64 9.05
N GLU A 161 -9.56 -3.94 8.55
CA GLU A 161 -10.87 -3.88 9.19
C GLU A 161 -11.76 -4.92 8.52
N PHE A 162 -12.28 -5.84 9.32
CA PHE A 162 -13.28 -6.81 8.88
C PHE A 162 -14.66 -6.45 9.44
N ASP A 163 -15.67 -7.22 9.05
CA ASP A 163 -17.05 -6.96 9.49
C ASP A 163 -17.18 -6.64 10.97
N SER A 164 -16.70 -7.52 11.84
CA SER A 164 -16.94 -7.35 13.26
C SER A 164 -15.68 -7.08 14.09
N PHE A 165 -14.53 -6.83 13.47
CA PHE A 165 -13.34 -6.57 14.27
C PHE A 165 -12.29 -5.95 13.36
N VAL A 166 -11.31 -5.31 14.00
CA VAL A 166 -10.13 -4.77 13.33
C VAL A 166 -8.95 -5.65 13.70
N LEU A 167 -8.16 -6.05 12.69
CA LEU A 167 -6.98 -6.87 12.90
C LEU A 167 -5.75 -5.99 12.65
N VAL A 168 -4.81 -6.06 13.57
CA VAL A 168 -3.52 -5.40 13.41
C VAL A 168 -2.47 -6.48 13.51
N THR A 169 -1.57 -6.52 12.55
CA THR A 169 -0.42 -7.38 12.67
C THR A 169 0.81 -6.50 12.71
N ALA A 170 1.77 -6.89 13.53
CA ALA A 170 2.90 -6.01 13.83
C ALA A 170 4.16 -6.84 13.92
N TYR A 171 5.27 -6.24 13.46
CA TYR A 171 6.60 -6.77 13.71
C TYR A 171 7.31 -5.66 14.49
N VAL A 172 7.35 -5.79 15.82
CA VAL A 172 7.76 -4.70 16.71
C VAL A 172 9.29 -4.58 16.62
N PRO A 173 9.86 -3.37 16.54
CA PRO A 173 11.33 -3.27 16.41
C PRO A 173 12.06 -3.89 17.59
N ASN A 174 13.10 -4.64 17.27
CA ASN A 174 13.93 -5.28 18.28
C ASN A 174 14.80 -4.23 18.99
N ALA A 175 15.04 -4.44 20.29
CA ALA A 175 15.89 -3.50 21.03
C ALA A 175 17.36 -3.60 20.66
N GLY A 176 17.77 -4.68 20.01
CA GLY A 176 19.13 -4.79 19.47
C GLY A 176 20.08 -5.45 20.44
N ARG A 177 21.08 -6.15 19.88
CA ARG A 177 22.20 -6.62 20.68
C ARG A 177 22.81 -5.45 21.45
N GLY A 178 23.12 -5.69 22.72
CA GLY A 178 23.67 -4.62 23.53
C GLY A 178 22.69 -3.52 23.83
N LEU A 179 21.41 -3.70 23.52
CA LEU A 179 20.36 -2.71 23.78
C LEU A 179 20.57 -1.39 23.02
N VAL A 180 21.31 -1.44 21.90
CA VAL A 180 21.68 -0.22 21.18
CA VAL A 180 21.67 -0.20 21.19
C VAL A 180 20.46 0.53 20.68
N ARG A 181 19.35 -0.16 20.40
CA ARG A 181 18.15 0.53 19.94
C ARG A 181 17.02 0.43 20.94
N LEU A 182 17.37 0.30 22.22
CA LEU A 182 16.35 0.16 23.24
C LEU A 182 15.54 1.44 23.39
N GLU A 183 16.20 2.62 23.39
CA GLU A 183 15.42 3.86 23.49
C GLU A 183 14.49 4.07 22.29
N TYR A 184 14.93 3.75 21.08
N TYR A 184 14.95 3.70 21.10
CA TYR A 184 13.99 3.83 19.96
CA TYR A 184 14.09 3.79 19.91
C TYR A 184 12.78 2.93 20.20
C TYR A 184 12.86 2.87 20.06
N ARG A 185 13.05 1.71 20.69
CA ARG A 185 11.94 0.78 20.94
C ARG A 185 10.95 1.37 21.92
N GLN A 186 11.46 2.04 22.95
CA GLN A 186 10.59 2.62 23.96
C GLN A 186 9.72 3.71 23.36
N ARG A 187 10.31 4.53 22.47
CA ARG A 187 9.54 5.57 21.77
C ARG A 187 8.53 4.94 20.81
N TRP A 188 8.95 3.89 20.11
CA TRP A 188 8.03 3.17 19.23
C TRP A 188 6.87 2.58 20.03
N ASP A 189 7.16 1.90 21.16
CA ASP A 189 6.08 1.34 21.98
C ASP A 189 5.04 2.39 22.29
N GLU A 190 5.48 3.59 22.73
CA GLU A 190 4.54 4.63 23.13
C GLU A 190 3.74 5.15 21.93
N ALA A 191 4.38 5.27 20.76
CA ALA A 191 3.62 5.70 19.59
C ALA A 191 2.64 4.63 19.14
N PHE A 192 2.99 3.36 19.32
CA PHE A 192 2.12 2.27 18.91
C PHE A 192 0.89 2.19 19.80
N ARG A 193 1.11 2.23 21.12
CA ARG A 193 -0.02 2.30 22.06
C ARG A 193 -0.98 3.40 21.67
N LYS A 194 -0.46 4.62 21.48
CA LYS A 194 -1.31 5.73 21.11
C LYS A 194 -2.09 5.41 19.84
N PHE A 195 -1.38 4.91 18.82
CA PHE A 195 -2.07 4.58 17.58
C PHE A 195 -3.19 3.56 17.84
N LEU A 196 -2.90 2.49 18.58
CA LEU A 196 -3.92 1.48 18.82
C LEU A 196 -5.12 2.06 19.57
N LYS A 197 -4.87 2.73 20.70
CA LYS A 197 -5.97 3.33 21.44
C LYS A 197 -6.78 4.21 20.51
N GLY A 198 -6.13 5.11 19.81
CA GLY A 198 -6.82 6.01 18.89
C GLY A 198 -7.42 5.45 17.60
N LEU A 199 -7.70 4.15 17.52
CA LEU A 199 -8.32 3.64 16.31
C LEU A 199 -9.80 4.06 16.30
N ALA A 200 -10.20 4.78 15.24
CA ALA A 200 -11.51 5.43 15.17
C ALA A 200 -12.67 4.45 15.23
N SER A 201 -12.45 3.18 14.91
CA SER A 201 -13.53 2.20 14.91
C SER A 201 -13.88 1.81 16.34
N ARG A 202 -15.18 1.77 16.61
CA ARG A 202 -15.68 1.20 17.85
C ARG A 202 -15.73 -0.32 17.79
N LYS A 203 -15.09 -0.94 16.76
CA LYS A 203 -14.96 -2.38 16.67
C LYS A 203 -13.86 -2.87 17.58
N PRO A 204 -14.01 -4.07 18.15
CA PRO A 204 -12.95 -4.64 18.97
C PRO A 204 -11.71 -4.95 18.14
N LEU A 205 -10.63 -5.17 18.84
CA LEU A 205 -9.33 -5.24 18.21
C LEU A 205 -8.73 -6.63 18.45
N VAL A 206 -8.15 -7.19 17.41
CA VAL A 206 -7.21 -8.30 17.53
C VAL A 206 -5.85 -7.79 17.09
N LEU A 207 -4.84 -7.94 17.92
CA LEU A 207 -3.47 -7.59 17.55
C LEU A 207 -2.61 -8.84 17.63
N CYS A 208 -1.92 -9.17 16.52
CA CYS A 208 -1.08 -10.35 16.49
C CYS A 208 0.26 -10.05 15.87
N GLY A 209 1.21 -10.94 16.11
CA GLY A 209 2.49 -10.86 15.46
C GLY A 209 3.61 -10.97 16.48
N ASP A 210 4.78 -10.52 16.07
CA ASP A 210 5.99 -10.65 16.86
C ASP A 210 6.14 -9.35 17.63
N LEU A 211 5.80 -9.37 18.90
CA LEU A 211 5.89 -8.13 19.67
C LEU A 211 7.23 -8.00 20.38
N ASN A 212 8.12 -8.96 20.18
CA ASN A 212 9.54 -8.85 20.56
C ASN A 212 9.73 -8.49 22.04
N VAL A 213 8.94 -9.11 22.88
CA VAL A 213 9.14 -9.05 24.33
C VAL A 213 8.52 -10.29 24.93
N ALA A 214 9.22 -10.93 25.87
CA ALA A 214 8.62 -11.95 26.71
C ALA A 214 8.11 -11.21 27.94
N HIS A 215 6.78 -11.19 28.11
CA HIS A 215 6.15 -10.32 29.10
C HIS A 215 6.65 -10.61 30.52
N GLU A 216 6.65 -11.89 30.93
CA GLU A 216 6.93 -12.24 32.32
C GLU A 216 7.95 -13.38 32.37
N GLU A 217 8.48 -13.66 33.57
CA GLU A 217 9.51 -14.70 33.66
C GLU A 217 9.00 -16.03 33.11
N ILE A 218 7.71 -16.30 33.22
CA ILE A 218 7.18 -17.57 32.71
C ILE A 218 7.26 -17.65 31.18
N ASP A 219 7.46 -16.49 30.51
CA ASP A 219 7.49 -16.42 29.05
C ASP A 219 8.86 -16.70 28.43
N LEU A 220 9.87 -17.05 29.21
CA LEU A 220 11.11 -17.49 28.58
C LEU A 220 11.80 -18.46 29.50
N ARG A 221 12.71 -19.25 28.91
CA ARG A 221 13.37 -20.32 29.64
C ARG A 221 14.37 -19.77 30.66
N ASN A 222 15.17 -18.77 30.27
CA ASN A 222 16.26 -18.26 31.09
C ASN A 222 16.03 -16.82 31.54
N PRO A 223 15.00 -16.58 32.33
CA PRO A 223 14.70 -15.19 32.68
C PRO A 223 15.81 -14.50 33.46
N LYS A 224 16.52 -15.23 34.33
CA LYS A 224 17.52 -14.57 35.19
C LYS A 224 18.67 -13.99 34.36
N GLY A 225 19.20 -14.77 33.42
CA GLY A 225 20.33 -14.27 32.65
C GLY A 225 20.02 -13.41 31.44
N ASN A 226 18.75 -13.13 31.20
CA ASN A 226 18.31 -12.32 30.07
C ASN A 226 17.70 -10.99 30.49
N LYS A 227 17.74 -10.63 31.78
CA LYS A 227 17.11 -9.36 32.14
C LYS A 227 17.84 -8.15 31.58
N LYS A 228 19.03 -8.30 31.01
CA LYS A 228 19.66 -7.21 30.29
C LYS A 228 19.71 -7.45 28.78
N ASN A 229 18.96 -8.42 28.25
CA ASN A 229 18.97 -8.68 26.82
C ASN A 229 17.68 -8.19 26.17
N ALA A 230 17.82 -7.81 24.90
CA ALA A 230 16.67 -7.43 24.10
C ALA A 230 15.57 -8.46 24.29
N GLY A 231 14.34 -7.99 24.48
CA GLY A 231 13.20 -8.86 24.64
C GLY A 231 12.82 -9.16 26.08
N PHE A 232 13.70 -8.89 27.06
CA PHE A 232 13.31 -9.10 28.45
C PHE A 232 13.84 -7.97 29.36
N THR A 233 14.07 -6.78 28.81
CA THR A 233 14.42 -5.67 29.68
C THR A 233 13.20 -5.22 30.48
N PRO A 234 13.42 -4.65 31.67
CA PRO A 234 12.29 -4.07 32.40
C PRO A 234 11.55 -3.04 31.59
N GLN A 235 12.25 -2.32 30.70
CA GLN A 235 11.60 -1.31 29.86
C GLN A 235 10.63 -1.96 28.85
N GLU A 236 11.06 -3.02 28.20
CA GLU A 236 10.18 -3.66 27.21
C GLU A 236 9.00 -4.34 27.91
N ARG A 237 9.24 -5.04 29.02
CA ARG A 237 8.17 -5.66 29.80
C ARG A 237 7.14 -4.63 30.25
N GLN A 238 7.61 -3.50 30.78
CA GLN A 238 6.70 -2.43 31.18
C GLN A 238 5.89 -1.92 30.00
N GLY A 239 6.54 -1.69 28.86
CA GLY A 239 5.79 -1.30 27.67
C GLY A 239 4.70 -2.31 27.32
N PHE A 240 4.97 -3.60 27.48
CA PHE A 240 3.93 -4.59 27.20
C PHE A 240 2.78 -4.44 28.18
N GLY A 241 3.09 -4.37 29.49
CA GLY A 241 2.04 -4.15 30.46
C GLY A 241 1.23 -2.90 30.18
N GLU A 242 1.89 -1.84 29.71
CA GLU A 242 1.15 -0.63 29.42
C GLU A 242 0.28 -0.77 28.19
N LEU A 243 0.73 -1.56 27.21
CA LEU A 243 -0.11 -1.83 26.06
C LEU A 243 -1.39 -2.54 26.50
N LEU A 244 -1.27 -3.57 27.32
CA LEU A 244 -2.47 -4.25 27.84
C LEU A 244 -3.38 -3.29 28.60
N GLN A 245 -2.78 -2.45 29.44
CA GLN A 245 -3.56 -1.57 30.31
C GLN A 245 -4.27 -0.48 29.52
N ALA A 246 -3.56 0.15 28.60
CA ALA A 246 -4.02 1.38 27.98
C ALA A 246 -5.03 1.17 26.86
N VAL A 247 -4.98 0.05 26.15
CA VAL A 247 -5.76 -0.01 24.93
C VAL A 247 -7.27 -0.19 25.23
N PRO A 248 -7.66 -1.15 26.08
CA PRO A 248 -7.00 -2.26 26.77
C PRO A 248 -7.03 -3.57 25.96
N LEU A 249 -6.20 -4.53 26.35
CA LEU A 249 -6.06 -5.81 25.65
C LEU A 249 -5.74 -6.90 26.66
N ALA A 250 -6.13 -8.12 26.32
CA ALA A 250 -5.75 -9.31 27.08
C ALA A 250 -4.84 -10.19 26.23
N ASP A 251 -3.98 -10.93 26.90
CA ASP A 251 -3.06 -11.85 26.25
C ASP A 251 -3.82 -13.19 26.07
N SER A 252 -4.32 -13.47 24.87
CA SER A 252 -5.18 -14.64 24.65
C SER A 252 -4.58 -15.90 25.25
N PHE A 253 -3.33 -16.21 24.90
CA PHE A 253 -2.75 -17.45 25.40
C PHE A 253 -2.66 -17.48 26.95
N ARG A 254 -2.17 -16.38 27.57
CA ARG A 254 -1.98 -16.42 29.02
C ARG A 254 -3.31 -16.41 29.76
N HIS A 255 -4.34 -15.83 29.15
CA HIS A 255 -5.66 -15.79 29.77
C HIS A 255 -6.25 -17.19 29.88
N LEU A 256 -5.96 -18.06 28.90
CA LEU A 256 -6.39 -19.44 28.89
C LEU A 256 -5.46 -20.36 29.64
N TYR A 257 -4.17 -20.03 29.69
CA TYR A 257 -3.19 -20.93 30.26
C TYR A 257 -2.29 -20.12 31.21
N PRO A 258 -2.88 -19.50 32.24
CA PRO A 258 -2.14 -18.52 33.07
C PRO A 258 -0.99 -19.09 33.81
N ASN A 259 -0.88 -20.41 33.96
CA ASN A 259 0.19 -20.97 34.77
C ASN A 259 1.02 -21.98 34.03
N THR A 260 0.97 -21.95 32.71
CA THR A 260 1.65 -22.95 31.94
C THR A 260 3.03 -22.46 31.57
N PRO A 261 4.08 -23.11 32.06
CA PRO A 261 5.45 -22.71 31.70
C PRO A 261 5.93 -23.37 30.43
N TYR A 262 7.12 -22.99 29.98
CA TYR A 262 7.83 -23.65 28.88
C TYR A 262 7.10 -23.58 27.53
N ALA A 263 6.09 -22.70 27.40
CA ALA A 263 5.42 -22.44 26.11
C ALA A 263 6.08 -21.23 25.43
N TYR A 264 6.86 -21.49 24.39
CA TYR A 264 7.63 -20.47 23.68
C TYR A 264 7.26 -20.45 22.21
N THR A 265 7.63 -19.37 21.52
CA THR A 265 7.38 -19.24 20.08
C THR A 265 8.67 -18.91 19.33
N PHE A 266 9.79 -18.80 20.03
CA PHE A 266 11.07 -18.46 19.41
C PHE A 266 12.18 -19.25 20.09
N TRP A 267 13.14 -19.72 19.31
CA TRP A 267 14.34 -20.38 19.82
C TRP A 267 15.50 -19.92 18.96
N THR A 268 16.59 -19.46 19.58
CA THR A 268 17.73 -19.09 18.76
C THR A 268 18.17 -20.29 17.94
N TYR A 269 18.54 -20.03 16.68
CA TYR A 269 19.06 -21.08 15.82
C TYR A 269 20.27 -21.77 16.44
N MET A 270 21.00 -21.07 17.30
CA MET A 270 22.30 -21.52 17.75
C MET A 270 22.19 -22.47 18.95
N MET A 271 23.28 -23.21 19.19
CA MET A 271 23.44 -24.05 20.36
C MET A 271 22.27 -25.03 20.53
N ASN A 272 21.64 -25.39 19.40
CA ASN A 272 20.53 -26.35 19.39
C ASN A 272 19.46 -26.00 20.42
N ALA A 273 19.13 -24.71 20.52
CA ALA A 273 18.21 -24.29 21.56
C ALA A 273 16.82 -24.90 21.36
N ARG A 274 16.36 -25.00 20.11
CA ARG A 274 15.01 -25.51 19.86
C ARG A 274 14.88 -26.95 20.36
N SER A 275 15.85 -27.81 20.01
CA SER A 275 15.80 -29.20 20.47
C SER A 275 15.68 -29.30 21.99
N LYS A 276 16.26 -28.35 22.72
CA LYS A 276 16.20 -28.31 24.17
C LYS A 276 15.02 -27.51 24.69
N ASN A 277 14.22 -26.92 23.81
CA ASN A 277 13.13 -26.00 24.18
C ASN A 277 13.60 -24.88 25.11
N VAL A 278 14.78 -24.33 24.81
CA VAL A 278 15.24 -23.10 25.44
C VAL A 278 14.71 -21.95 24.59
N GLY A 279 13.58 -21.39 24.99
CA GLY A 279 12.96 -20.45 24.09
C GLY A 279 12.30 -19.27 24.79
N TRP A 280 11.62 -18.47 23.98
CA TRP A 280 10.98 -17.24 24.40
C TRP A 280 9.59 -17.18 23.78
N ARG A 281 8.65 -16.61 24.51
CA ARG A 281 7.32 -16.37 23.95
C ARG A 281 7.31 -14.91 23.51
N LEU A 282 7.50 -14.70 22.19
CA LEU A 282 7.53 -13.38 21.59
C LEU A 282 6.35 -13.06 20.69
N ASP A 283 5.55 -14.06 20.32
CA ASP A 283 4.47 -13.91 19.35
C ASP A 283 3.14 -14.11 20.07
N TYR A 284 2.19 -13.18 19.84
CA TYR A 284 0.99 -13.14 20.65
C TYR A 284 -0.23 -12.87 19.80
N PHE A 285 -1.40 -13.26 20.37
CA PHE A 285 -2.69 -12.70 19.98
C PHE A 285 -3.22 -11.95 21.19
N LEU A 286 -3.34 -10.64 21.05
CA LEU A 286 -3.93 -9.78 22.08
C LEU A 286 -5.31 -9.34 21.60
N LEU A 287 -6.29 -9.37 22.51
CA LEU A 287 -7.71 -9.19 22.19
C LEU A 287 -8.35 -8.13 23.06
N SER A 288 -9.25 -7.34 22.48
CA SER A 288 -10.12 -6.51 23.31
C SER A 288 -10.90 -7.37 24.30
N HIS A 289 -11.18 -6.76 25.46
CA HIS A 289 -11.87 -7.47 26.52
C HIS A 289 -13.16 -8.09 26.00
N SER A 290 -13.91 -7.33 25.20
CA SER A 290 -15.20 -7.81 24.67
C SER A 290 -15.08 -9.06 23.82
N LEU A 291 -13.89 -9.37 23.30
CA LEU A 291 -13.74 -10.56 22.48
C LEU A 291 -13.48 -11.83 23.29
N LEU A 292 -13.21 -11.70 24.60
CA LEU A 292 -12.90 -12.88 25.40
C LEU A 292 -14.03 -13.91 25.42
N PRO A 293 -15.31 -13.55 25.46
CA PRO A 293 -16.34 -14.62 25.37
C PRO A 293 -16.27 -15.37 24.04
N ALA A 294 -15.73 -14.76 22.98
CA ALA A 294 -15.57 -15.44 21.69
C ALA A 294 -14.29 -16.26 21.63
N LEU A 295 -13.47 -16.27 22.65
CA LEU A 295 -12.16 -16.87 22.58
C LEU A 295 -12.28 -18.36 22.81
N CYS A 296 -11.89 -19.14 21.79
CA CYS A 296 -11.92 -20.58 21.87
C CYS A 296 -10.59 -21.14 22.25
N ASP A 297 -9.52 -20.70 21.57
CA ASP A 297 -8.22 -21.21 21.95
C ASP A 297 -7.16 -20.33 21.30
N SER A 298 -5.95 -20.43 21.83
CA SER A 298 -4.82 -19.68 21.33
C SER A 298 -3.69 -20.69 21.36
N LYS A 299 -3.19 -21.06 20.19
CA LYS A 299 -2.31 -22.21 20.03
C LYS A 299 -0.88 -21.78 19.75
N ILE A 300 0.07 -22.66 20.08
CA ILE A 300 1.47 -22.49 19.73
C ILE A 300 1.90 -23.74 18.97
N ARG A 301 2.17 -23.59 17.68
CA ARG A 301 2.37 -24.73 16.79
C ARG A 301 3.84 -25.11 16.80
N SER A 302 4.24 -25.74 17.92
CA SER A 302 5.64 -25.93 18.26
C SER A 302 6.38 -26.77 17.22
N LYS A 303 5.68 -27.65 16.51
CA LYS A 303 6.34 -28.59 15.60
C LYS A 303 6.52 -28.05 14.18
N ALA A 304 5.94 -26.90 13.85
CA ALA A 304 6.06 -26.39 12.48
C ALA A 304 7.42 -25.72 12.28
N LEU A 305 8.24 -26.26 11.39
CA LEU A 305 9.57 -25.73 11.17
C LEU A 305 9.54 -24.75 10.02
N GLY A 306 10.69 -24.12 9.76
CA GLY A 306 10.82 -23.25 8.60
C GLY A 306 11.42 -21.91 8.95
N SER A 307 11.55 -21.63 10.26
CA SER A 307 11.95 -20.33 10.79
C SER A 307 12.49 -20.54 12.20
N ASP A 308 12.99 -19.47 12.84
CA ASP A 308 13.28 -19.61 14.26
C ASP A 308 12.10 -19.25 15.16
N HIS A 309 10.96 -18.80 14.61
CA HIS A 309 9.70 -18.71 15.32
C HIS A 309 8.79 -19.81 14.82
N CYS A 310 7.84 -20.24 15.64
CA CYS A 310 6.82 -21.16 15.16
C CYS A 310 5.53 -20.41 14.96
N PRO A 311 4.58 -20.96 14.18
CA PRO A 311 3.29 -20.29 14.03
C PRO A 311 2.55 -20.25 15.35
N ILE A 312 1.62 -19.31 15.46
CA ILE A 312 0.60 -19.31 16.51
C ILE A 312 -0.77 -19.22 15.83
N THR A 313 -1.80 -19.72 16.52
CA THR A 313 -3.11 -19.80 15.88
C THR A 313 -4.22 -19.48 16.87
N LEU A 314 -5.12 -18.61 16.44
CA LEU A 314 -6.23 -18.10 17.23
C LEU A 314 -7.53 -18.69 16.65
N TYR A 315 -8.36 -19.25 17.52
CA TYR A 315 -9.74 -19.62 17.13
C TYR A 315 -10.73 -18.69 17.83
N LEU A 316 -11.52 -17.97 17.06
CA LEU A 316 -12.58 -17.13 17.60
C LEU A 316 -13.94 -17.66 17.12
N ALA A 317 -14.95 -17.58 18.02
CA ALA A 317 -16.36 -17.84 17.68
C ALA A 317 -17.07 -16.50 17.45
N LEU A 318 -17.24 -16.12 16.19
CA LEU A 318 -17.87 -14.85 15.84
C LEU A 318 -19.19 -15.11 15.17
N LEU B 44 -18.77 15.27 -31.67
CA LEU B 44 -18.72 14.36 -30.51
C LEU B 44 -17.76 13.20 -30.79
N TYR B 45 -17.38 12.47 -29.74
CA TYR B 45 -16.27 11.52 -29.80
C TYR B 45 -16.62 10.25 -29.07
N GLU B 46 -16.12 9.13 -29.60
CA GLU B 46 -16.29 7.86 -28.93
C GLU B 46 -15.02 7.05 -28.96
N ASP B 47 -14.56 6.68 -27.79
CA ASP B 47 -13.26 6.07 -27.66
C ASP B 47 -13.32 4.65 -28.20
N PRO B 48 -12.37 4.24 -29.03
CA PRO B 48 -12.33 2.87 -29.52
C PRO B 48 -12.31 1.88 -28.37
N PRO B 49 -12.69 0.63 -28.61
CA PRO B 49 -12.66 -0.38 -27.55
C PRO B 49 -11.23 -0.68 -27.08
N ASP B 50 -11.13 -1.19 -25.86
CA ASP B 50 -9.83 -1.46 -25.25
C ASP B 50 -9.06 -2.53 -26.03
N GLN B 51 -7.90 -2.16 -26.58
CA GLN B 51 -6.96 -3.16 -27.10
C GLN B 51 -6.08 -3.61 -25.94
N LYS B 52 -6.21 -4.87 -25.54
CA LYS B 52 -5.50 -5.36 -24.36
C LYS B 52 -4.37 -6.33 -24.71
N THR B 53 -3.91 -6.30 -25.96
CA THR B 53 -2.75 -7.07 -26.40
C THR B 53 -1.83 -6.16 -27.22
N SER B 54 -0.54 -6.36 -27.05
CA SER B 54 0.46 -5.49 -27.65
C SER B 54 0.63 -5.82 -29.12
N PRO B 55 1.37 -4.99 -29.88
CA PRO B 55 1.61 -5.32 -31.29
C PRO B 55 2.29 -6.67 -31.45
N SER B 56 3.22 -6.98 -30.56
CA SER B 56 3.87 -8.28 -30.53
C SER B 56 2.99 -9.36 -29.91
N GLY B 57 1.74 -9.04 -29.56
CA GLY B 57 0.80 -10.06 -29.14
C GLY B 57 0.88 -10.47 -27.69
N LYS B 58 1.42 -9.65 -26.85
CA LYS B 58 1.51 -10.05 -25.46
C LYS B 58 0.33 -9.45 -24.70
N PRO B 59 -0.33 -10.20 -23.82
CA PRO B 59 -1.45 -9.63 -23.05
C PRO B 59 -0.98 -8.52 -22.10
N ALA B 60 -1.81 -7.49 -21.97
CA ALA B 60 -1.53 -6.42 -21.02
C ALA B 60 -1.44 -6.96 -19.60
N THR B 61 -0.43 -6.49 -18.86
CA THR B 61 -0.26 -6.87 -17.47
C THR B 61 -0.46 -5.73 -16.49
N LEU B 62 -0.40 -4.49 -16.96
CA LEU B 62 -0.47 -3.32 -16.09
C LEU B 62 -1.50 -2.36 -16.65
N LYS B 63 -2.39 -1.89 -15.78
CA LYS B 63 -3.44 -0.94 -16.10
C LYS B 63 -3.30 0.27 -15.18
N ILE B 64 -3.04 1.44 -15.77
CA ILE B 64 -2.84 2.68 -15.03
C ILE B 64 -3.93 3.67 -15.40
N CYS B 65 -4.53 4.31 -14.41
CA CYS B 65 -5.57 5.30 -14.61
C CYS B 65 -5.14 6.61 -13.98
N SER B 66 -5.36 7.70 -14.70
CA SER B 66 -5.03 9.04 -14.24
C SER B 66 -6.28 9.91 -14.36
N TRP B 67 -6.53 10.75 -13.35
CA TRP B 67 -7.78 11.50 -13.31
C TRP B 67 -7.57 12.80 -12.56
N ASN B 68 -7.76 13.94 -13.22
CA ASN B 68 -7.86 15.20 -12.49
C ASN B 68 -9.25 15.24 -11.89
N VAL B 69 -9.32 15.14 -10.55
CA VAL B 69 -10.61 15.03 -9.89
C VAL B 69 -11.15 16.38 -9.49
N ASP B 70 -10.34 17.42 -9.57
CA ASP B 70 -10.76 18.79 -9.32
C ASP B 70 -11.65 18.89 -8.08
N GLY B 71 -11.06 18.66 -6.91
CA GLY B 71 -11.76 18.61 -5.65
C GLY B 71 -12.03 17.16 -5.30
N LEU B 72 -11.09 16.53 -4.60
CA LEU B 72 -11.20 15.12 -4.24
C LEU B 72 -12.47 14.84 -3.43
N ARG B 73 -12.78 15.72 -2.48
CA ARG B 73 -13.93 15.43 -1.62
C ARG B 73 -15.22 15.48 -2.41
N ALA B 74 -15.37 16.51 -3.27
CA ALA B 74 -16.55 16.58 -4.12
C ALA B 74 -16.61 15.41 -5.09
N TRP B 75 -15.48 15.08 -5.70
CA TRP B 75 -15.39 13.94 -6.61
C TRP B 75 -15.85 12.65 -5.91
N ILE B 76 -15.40 12.43 -4.68
CA ILE B 76 -15.85 11.25 -3.94
C ILE B 76 -17.36 11.30 -3.74
N LYS B 77 -17.88 12.47 -3.32
CA LYS B 77 -19.33 12.58 -3.20
C LYS B 77 -20.04 12.27 -4.52
N LYS B 78 -19.40 12.57 -5.67
CA LYS B 78 -20.02 12.27 -6.95
C LYS B 78 -19.69 10.87 -7.44
N LYS B 79 -19.27 9.99 -6.53
CA LYS B 79 -19.14 8.55 -6.74
C LYS B 79 -17.92 8.16 -7.58
N GLY B 80 -16.90 9.02 -7.63
CA GLY B 80 -15.69 8.68 -8.35
C GLY B 80 -15.09 7.35 -7.91
N LEU B 81 -15.17 7.05 -6.60
CA LEU B 81 -14.57 5.79 -6.15
C LEU B 81 -15.35 4.59 -6.69
N ASP B 82 -16.66 4.73 -6.89
CA ASP B 82 -17.39 3.65 -7.54
C ASP B 82 -16.89 3.42 -8.95
N TRP B 83 -16.61 4.48 -9.68
CA TRP B 83 -16.12 4.26 -11.03
C TRP B 83 -14.72 3.63 -11.01
N VAL B 84 -13.85 4.11 -10.12
CA VAL B 84 -12.52 3.52 -9.98
C VAL B 84 -12.59 2.02 -9.68
N LYS B 85 -13.49 1.62 -8.77
CA LYS B 85 -13.61 0.21 -8.41
C LYS B 85 -14.00 -0.63 -9.62
N GLU B 86 -14.92 -0.14 -10.44
CA GLU B 86 -15.25 -0.83 -11.68
C GLU B 86 -14.05 -0.87 -12.63
N GLU B 87 -13.38 0.27 -12.82
CA GLU B 87 -12.23 0.31 -13.75
C GLU B 87 -11.13 -0.63 -13.29
N ALA B 88 -11.01 -0.86 -11.98
CA ALA B 88 -10.03 -1.75 -11.36
C ALA B 88 -8.60 -1.58 -11.91
N PRO B 89 -8.06 -0.38 -11.89
CA PRO B 89 -6.67 -0.20 -12.33
C PRO B 89 -5.71 -0.77 -11.30
N ASP B 90 -4.51 -1.15 -11.77
CA ASP B 90 -3.44 -1.49 -10.85
C ASP B 90 -2.90 -0.26 -10.14
N ILE B 91 -2.98 0.90 -10.79
CA ILE B 91 -2.45 2.15 -10.26
C ILE B 91 -3.39 3.28 -10.64
N LEU B 92 -3.62 4.19 -9.69
CA LEU B 92 -4.50 5.34 -9.89
C LEU B 92 -3.75 6.60 -9.50
N CYS B 93 -3.63 7.54 -10.45
CA CYS B 93 -3.03 8.84 -10.21
C CYS B 93 -4.12 9.90 -10.25
N LEU B 94 -4.07 10.83 -9.31
CA LEU B 94 -5.09 11.84 -9.11
C LEU B 94 -4.44 13.20 -9.03
N GLN B 95 -5.08 14.22 -9.61
CA GLN B 95 -4.52 15.56 -9.59
C GLN B 95 -5.57 16.58 -9.18
N GLU B 96 -5.09 17.73 -8.69
CA GLU B 96 -5.94 18.80 -8.20
C GLU B 96 -6.91 18.25 -7.13
N THR B 97 -6.32 17.63 -6.11
CA THR B 97 -7.13 17.04 -5.03
C THR B 97 -7.73 18.12 -4.12
N LYS B 98 -7.05 19.25 -3.92
CA LYS B 98 -7.53 20.32 -3.05
C LYS B 98 -8.00 19.75 -1.72
N CYS B 99 -7.09 19.07 -1.02
CA CYS B 99 -7.45 18.40 0.23
C CYS B 99 -6.16 18.08 0.96
N SER B 100 -6.00 18.63 2.16
CA SER B 100 -4.79 18.31 2.93
C SER B 100 -4.86 16.87 3.38
N GLU B 101 -3.70 16.29 3.70
CA GLU B 101 -3.66 14.94 4.24
C GLU B 101 -4.72 14.73 5.31
N ASN B 102 -4.86 15.69 6.23
CA ASN B 102 -5.85 15.68 7.31
C ASN B 102 -7.25 15.22 6.95
N LYS B 103 -7.73 15.63 5.79
CA LYS B 103 -9.16 15.53 5.48
C LYS B 103 -9.44 14.52 4.37
N LEU B 104 -8.48 13.67 4.07
CA LEU B 104 -8.69 12.60 3.11
C LEU B 104 -9.73 11.64 3.66
N PRO B 105 -10.91 11.56 3.08
CA PRO B 105 -11.92 10.66 3.64
C PRO B 105 -11.37 9.25 3.78
N ALA B 106 -11.71 8.61 4.90
CA ALA B 106 -11.26 7.24 5.13
C ALA B 106 -11.83 6.28 4.10
N GLU B 107 -12.88 6.69 3.37
CA GLU B 107 -13.39 5.87 2.27
C GLU B 107 -12.30 5.51 1.27
N LEU B 108 -11.23 6.31 1.19
CA LEU B 108 -10.13 5.94 0.32
C LEU B 108 -9.50 4.60 0.71
N GLN B 109 -9.58 4.20 1.98
CA GLN B 109 -9.01 2.90 2.32
C GLN B 109 -9.85 1.72 1.80
N GLU B 110 -11.09 1.98 1.37
CA GLU B 110 -11.97 0.92 0.89
C GLU B 110 -11.64 0.49 -0.51
N LEU B 111 -10.55 0.99 -1.09
CA LEU B 111 -10.17 0.38 -2.36
C LEU B 111 -9.02 -0.53 -1.98
N PRO B 112 -9.31 -1.70 -1.41
CA PRO B 112 -8.28 -2.59 -0.96
C PRO B 112 -7.31 -3.09 -2.09
N GLY B 113 -7.73 -2.87 -3.33
CA GLY B 113 -7.00 -3.24 -4.56
C GLY B 113 -5.99 -2.15 -5.07
N LEU B 114 -5.99 -1.11 -4.34
CA LEU B 114 -5.25 0.16 -4.36
C LEU B 114 -4.92 0.60 -2.92
N SER B 115 -4.36 -0.30 -2.13
CA SER B 115 -4.22 0.02 -0.72
C SER B 115 -2.99 0.86 -0.41
N HIS B 116 -2.04 0.99 -1.32
CA HIS B 116 -0.81 1.73 -1.04
C HIS B 116 -0.99 3.13 -1.58
N GLN B 117 -1.11 4.11 -0.70
CA GLN B 117 -1.59 5.43 -1.12
C GLN B 117 -0.62 6.52 -0.69
N TYR B 118 -0.26 7.38 -1.64
CA TYR B 118 0.73 8.43 -1.44
C TYR B 118 0.14 9.76 -1.88
N TRP B 119 0.43 10.81 -1.13
CA TRP B 119 -0.23 12.09 -1.31
C TRP B 119 0.78 13.22 -1.17
N SER B 120 0.56 14.28 -1.94
CA SER B 120 1.42 15.46 -1.91
C SER B 120 0.53 16.69 -1.97
N ALA B 121 0.62 17.54 -0.95
CA ALA B 121 -0.12 18.79 -0.85
C ALA B 121 0.82 19.97 -0.69
N PRO B 122 0.37 21.19 -1.01
CA PRO B 122 1.22 22.37 -0.84
C PRO B 122 1.29 22.81 0.61
N SER B 123 2.04 23.88 0.85
CA SER B 123 2.19 24.46 2.18
C SER B 123 1.19 25.61 2.42
N TYR B 128 -4.59 25.34 -4.21
CA TYR B 128 -5.28 24.97 -5.45
C TYR B 128 -4.61 23.82 -6.17
N SER B 129 -4.08 22.89 -5.40
CA SER B 129 -3.18 21.88 -5.95
C SER B 129 -3.45 20.57 -5.22
N GLY B 130 -2.50 19.66 -5.31
CA GLY B 130 -2.54 18.41 -4.60
C GLY B 130 -2.66 17.30 -5.61
N VAL B 131 -1.88 16.23 -5.40
CA VAL B 131 -1.90 15.06 -6.26
C VAL B 131 -1.77 13.81 -5.40
N GLY B 132 -2.16 12.67 -5.97
CA GLY B 132 -2.06 11.42 -5.25
C GLY B 132 -1.75 10.29 -6.19
N LEU B 133 -1.19 9.23 -5.63
CA LEU B 133 -0.86 8.03 -6.38
C LEU B 133 -1.20 6.84 -5.50
N LEU B 134 -2.16 6.04 -5.96
CA LEU B 134 -2.63 4.86 -5.24
C LEU B 134 -2.25 3.64 -6.08
N SER B 135 -1.72 2.62 -5.41
CA SER B 135 -1.15 1.49 -6.12
C SER B 135 -1.51 0.17 -5.44
N ARG B 136 -1.69 -0.86 -6.28
CA ARG B 136 -1.91 -2.22 -5.79
C ARG B 136 -0.70 -2.75 -5.03
N GLN B 137 0.50 -2.56 -5.59
CA GLN B 137 1.74 -2.96 -4.92
C GLN B 137 2.51 -1.73 -4.47
N ALA B 138 3.23 -1.88 -3.37
CA ALA B 138 4.10 -0.79 -2.95
C ALA B 138 5.14 -0.52 -4.04
N PRO B 139 5.33 0.73 -4.42
CA PRO B 139 6.50 1.07 -5.23
C PRO B 139 7.77 0.82 -4.42
N LEU B 140 8.87 0.57 -5.13
CA LEU B 140 10.16 0.39 -4.47
C LEU B 140 10.63 1.68 -3.79
N LYS B 141 10.18 2.83 -4.26
CA LYS B 141 10.64 4.12 -3.77
C LYS B 141 9.66 5.18 -4.26
N VAL B 142 9.30 6.12 -3.40
CA VAL B 142 8.35 7.16 -3.72
C VAL B 142 8.96 8.49 -3.29
N SER B 143 8.90 9.49 -4.17
CA SER B 143 9.40 10.81 -3.82
C SER B 143 8.44 11.87 -4.34
N TYR B 144 8.62 13.09 -3.83
CA TYR B 144 7.68 14.18 -4.03
C TYR B 144 8.42 15.40 -4.56
N GLY B 145 7.86 16.06 -5.57
CA GLY B 145 8.43 17.31 -6.05
C GLY B 145 9.52 17.08 -7.08
N ILE B 146 10.16 18.16 -7.47
CA ILE B 146 11.13 18.06 -8.56
C ILE B 146 12.47 18.64 -8.13
N GLY B 147 12.80 18.54 -6.83
CA GLY B 147 14.12 18.91 -6.37
C GLY B 147 14.21 20.27 -5.69
N ASP B 148 13.68 21.29 -6.36
CA ASP B 148 13.74 22.67 -5.87
C ASP B 148 13.03 22.87 -4.54
N GLU B 154 5.17 22.58 -3.91
CA GLU B 154 3.86 23.02 -4.39
C GLU B 154 2.81 21.91 -4.50
N GLY B 155 3.19 20.65 -4.25
CA GLY B 155 2.19 19.57 -4.28
C GLY B 155 1.69 19.16 -5.65
N ARG B 156 2.59 19.14 -6.65
CA ARG B 156 2.23 18.89 -8.03
C ARG B 156 2.79 17.60 -8.59
N VAL B 157 3.79 16.98 -7.94
CA VAL B 157 4.49 15.84 -8.53
C VAL B 157 4.73 14.76 -7.48
N ILE B 158 4.45 13.51 -7.86
CA ILE B 158 4.89 12.33 -7.14
C ILE B 158 5.63 11.44 -8.11
N VAL B 159 6.76 10.90 -7.66
CA VAL B 159 7.60 10.02 -8.46
C VAL B 159 7.61 8.66 -7.79
N ALA B 160 7.30 7.62 -8.54
CA ALA B 160 7.15 6.29 -7.96
C ALA B 160 7.89 5.30 -8.84
N GLU B 161 8.91 4.67 -8.26
CA GLU B 161 9.74 3.71 -8.95
C GLU B 161 9.22 2.31 -8.68
N PHE B 162 8.89 1.56 -9.75
CA PHE B 162 8.50 0.16 -9.68
C PHE B 162 9.64 -0.72 -10.18
N ASP B 163 9.38 -2.02 -10.30
CA ASP B 163 10.44 -2.95 -10.67
C ASP B 163 11.01 -2.61 -12.04
N SER B 164 10.16 -2.39 -13.04
CA SER B 164 10.63 -2.24 -14.42
C SER B 164 10.43 -0.87 -15.04
N PHE B 165 9.91 0.11 -14.30
CA PHE B 165 9.78 1.44 -14.89
C PHE B 165 9.61 2.44 -13.76
N VAL B 166 9.59 3.72 -14.14
CA VAL B 166 9.35 4.81 -13.19
C VAL B 166 8.15 5.61 -13.65
N LEU B 167 7.17 5.76 -12.76
CA LEU B 167 5.95 6.50 -12.99
C LEU B 167 6.06 7.89 -12.35
N VAL B 168 5.78 8.93 -13.12
CA VAL B 168 5.66 10.28 -12.60
C VAL B 168 4.21 10.70 -12.84
N THR B 169 3.57 11.27 -11.83
CA THR B 169 2.30 11.94 -12.10
C THR B 169 2.43 13.41 -11.74
N ALA B 170 1.79 14.25 -12.53
CA ALA B 170 2.04 15.67 -12.45
C ALA B 170 0.73 16.43 -12.62
N TYR B 171 0.59 17.49 -11.84
CA TYR B 171 -0.44 18.48 -12.05
C TYR B 171 0.31 19.76 -12.37
N VAL B 172 0.57 19.95 -13.66
CA VAL B 172 1.36 21.06 -14.18
C VAL B 172 0.63 22.36 -13.92
N PRO B 173 1.30 23.42 -13.46
CA PRO B 173 0.60 24.66 -13.11
C PRO B 173 -0.01 25.34 -14.32
N ASN B 174 -1.24 25.80 -14.12
CA ASN B 174 -2.00 26.47 -15.18
C ASN B 174 -1.46 27.88 -15.39
N ALA B 175 -1.38 28.29 -16.67
CA ALA B 175 -0.81 29.60 -17.00
C ALA B 175 -1.71 30.74 -16.54
N GLY B 176 -2.98 30.44 -16.25
CA GLY B 176 -3.87 31.40 -15.62
C GLY B 176 -4.70 32.19 -16.62
N ARG B 177 -5.79 32.74 -16.12
CA ARG B 177 -6.61 33.60 -16.97
C ARG B 177 -5.91 34.92 -17.18
N GLY B 178 -5.89 35.39 -18.41
CA GLY B 178 -5.04 36.52 -18.76
C GLY B 178 -3.57 36.24 -18.55
N LEU B 179 -3.16 34.98 -18.59
CA LEU B 179 -1.74 34.58 -18.58
C LEU B 179 -0.97 35.11 -17.36
N VAL B 180 -1.69 35.35 -16.26
CA VAL B 180 -1.06 35.91 -15.06
C VAL B 180 0.12 35.07 -14.59
N ARG B 181 0.06 33.76 -14.78
CA ARG B 181 1.09 32.86 -14.28
C ARG B 181 1.91 32.21 -15.39
N LEU B 182 1.74 32.66 -16.64
CA LEU B 182 2.49 32.06 -17.75
C LEU B 182 3.98 32.04 -17.46
N GLU B 183 4.49 33.10 -16.87
CA GLU B 183 5.90 33.16 -16.53
C GLU B 183 6.29 32.07 -15.56
N TYR B 184 5.50 31.90 -14.48
CA TYR B 184 5.73 30.77 -13.59
C TYR B 184 5.62 29.43 -14.33
N ARG B 185 4.71 29.33 -15.29
CA ARG B 185 4.59 28.07 -16.01
C ARG B 185 5.84 27.80 -16.85
N GLN B 186 6.43 28.85 -17.44
CA GLN B 186 7.60 28.64 -18.28
C GLN B 186 8.81 28.17 -17.47
N ARG B 187 9.09 28.82 -16.34
CA ARG B 187 10.15 28.35 -15.46
C ARG B 187 9.88 26.93 -14.98
N TRP B 188 8.63 26.65 -14.61
CA TRP B 188 8.28 25.32 -14.12
C TRP B 188 8.52 24.27 -15.20
N ASP B 189 8.11 24.57 -16.45
CA ASP B 189 8.40 23.67 -17.57
C ASP B 189 9.91 23.37 -17.67
N GLU B 190 10.74 24.42 -17.62
CA GLU B 190 12.19 24.22 -17.77
C GLU B 190 12.72 23.31 -16.68
N ALA B 191 12.41 23.66 -15.42
CA ALA B 191 12.82 22.84 -14.29
C ALA B 191 12.35 21.40 -14.46
N PHE B 192 11.12 21.20 -14.91
CA PHE B 192 10.54 19.87 -14.98
C PHE B 192 11.26 19.00 -16.01
N ARG B 193 11.49 19.53 -17.21
CA ARG B 193 12.26 18.81 -18.22
C ARG B 193 13.61 18.37 -17.65
N LYS B 194 14.35 19.32 -17.07
CA LYS B 194 15.63 19.01 -16.43
C LYS B 194 15.47 17.85 -15.44
N PHE B 195 14.56 18.00 -14.48
CA PHE B 195 14.30 16.94 -13.50
C PHE B 195 14.05 15.61 -14.19
N LEU B 196 13.18 15.59 -15.19
CA LEU B 196 12.79 14.33 -15.83
C LEU B 196 13.96 13.62 -16.52
N LYS B 197 15.10 14.29 -16.70
CA LYS B 197 16.24 13.65 -17.32
C LYS B 197 17.16 12.97 -16.30
N GLY B 198 17.24 13.49 -15.07
CA GLY B 198 17.85 12.76 -13.97
C GLY B 198 17.14 11.47 -13.63
N LEU B 199 16.09 11.13 -14.39
CA LEU B 199 15.26 9.97 -14.13
C LEU B 199 15.30 8.95 -15.26
N ALA B 200 14.75 9.29 -16.43
CA ALA B 200 14.66 8.35 -17.54
C ALA B 200 16.03 7.84 -17.95
N SER B 201 17.10 8.52 -17.52
CA SER B 201 18.45 8.02 -17.69
C SER B 201 18.78 7.02 -16.61
N ARG B 202 17.76 6.30 -16.12
CA ARG B 202 17.96 5.19 -15.18
C ARG B 202 17.10 4.01 -15.58
N LYS B 203 15.82 4.25 -15.80
CA LYS B 203 14.78 3.25 -16.03
C LYS B 203 13.76 3.84 -17.00
N PRO B 204 13.04 3.02 -17.75
CA PRO B 204 12.02 3.60 -18.65
C PRO B 204 10.97 4.35 -17.86
N LEU B 205 10.43 5.40 -18.48
CA LEU B 205 9.58 6.37 -17.81
C LEU B 205 8.14 6.35 -18.32
N VAL B 206 7.18 6.37 -17.40
CA VAL B 206 5.81 6.74 -17.70
C VAL B 206 5.51 8.05 -16.97
N LEU B 207 5.04 9.04 -17.69
CA LEU B 207 4.61 10.31 -17.10
C LEU B 207 3.14 10.47 -17.42
N CYS B 208 2.33 10.74 -16.40
CA CYS B 208 0.91 10.94 -16.60
C CYS B 208 0.42 12.12 -15.79
N GLY B 209 -0.74 12.62 -16.18
CA GLY B 209 -1.40 13.61 -15.38
C GLY B 209 -1.95 14.71 -16.25
N ASP B 210 -2.25 15.81 -15.57
CA ASP B 210 -2.79 17.01 -16.19
C ASP B 210 -1.60 17.88 -16.55
N LEU B 211 -1.21 17.89 -17.83
CA LEU B 211 -0.06 18.71 -18.21
C LEU B 211 -0.47 20.11 -18.61
N ASN B 212 -1.77 20.40 -18.59
CA ASN B 212 -2.28 21.75 -18.79
C ASN B 212 -1.77 22.36 -20.11
N VAL B 213 -1.73 21.55 -21.15
CA VAL B 213 -1.44 22.08 -22.48
C VAL B 213 -2.07 21.16 -23.50
N ALA B 214 -2.73 21.79 -24.48
CA ALA B 214 -3.12 21.10 -25.69
C ALA B 214 -1.96 21.26 -26.68
N HIS B 215 -1.38 20.14 -27.10
CA HIS B 215 -0.13 20.19 -27.87
C HIS B 215 -0.35 20.88 -29.22
N GLU B 216 -1.21 20.30 -30.05
CA GLU B 216 -1.47 20.74 -31.42
C GLU B 216 -2.95 21.05 -31.60
N GLU B 217 -3.27 21.72 -32.72
CA GLU B 217 -4.64 22.18 -32.96
C GLU B 217 -5.66 21.03 -32.89
N ILE B 218 -5.27 19.82 -33.28
CA ILE B 218 -6.19 18.69 -33.14
C ILE B 218 -6.48 18.34 -31.68
N ASP B 219 -5.72 18.88 -30.72
CA ASP B 219 -5.89 18.48 -29.32
C ASP B 219 -6.92 19.31 -28.58
N LEU B 220 -7.37 20.40 -29.16
CA LEU B 220 -8.49 21.13 -28.59
C LEU B 220 -9.44 21.44 -29.73
N ARG B 221 -10.59 21.96 -29.35
CA ARG B 221 -11.71 22.19 -30.25
C ARG B 221 -11.69 23.57 -30.89
N ASN B 222 -11.30 24.60 -30.14
CA ASN B 222 -11.22 25.96 -30.66
C ASN B 222 -9.78 26.45 -30.77
N PRO B 223 -8.94 25.85 -31.62
CA PRO B 223 -7.54 26.31 -31.71
C PRO B 223 -7.38 27.80 -31.90
N LYS B 224 -8.18 28.42 -32.78
CA LYS B 224 -7.92 29.80 -33.17
C LYS B 224 -8.34 30.80 -32.10
N GLY B 225 -9.45 30.55 -31.42
CA GLY B 225 -9.82 31.46 -30.36
C GLY B 225 -9.01 31.34 -29.08
N ASN B 226 -8.04 30.43 -29.04
CA ASN B 226 -7.34 30.19 -27.80
C ASN B 226 -5.83 30.32 -27.89
N LYS B 227 -5.30 30.71 -29.05
CA LYS B 227 -3.84 30.77 -29.15
C LYS B 227 -3.24 31.78 -28.20
N LYS B 228 -4.05 32.58 -27.51
CA LYS B 228 -3.54 33.46 -26.47
C LYS B 228 -4.09 33.09 -25.10
N ASN B 229 -4.53 31.85 -24.92
CA ASN B 229 -5.12 31.40 -23.67
C ASN B 229 -4.30 30.29 -23.04
N ALA B 230 -4.30 30.29 -21.70
CA ALA B 230 -3.66 29.25 -20.92
C ALA B 230 -4.02 27.89 -21.48
N GLY B 231 -3.01 27.04 -21.66
CA GLY B 231 -3.17 25.78 -22.33
C GLY B 231 -2.85 25.76 -23.83
N PHE B 232 -2.77 26.93 -24.49
CA PHE B 232 -2.49 26.85 -25.93
C PHE B 232 -1.66 28.03 -26.43
N THR B 233 -0.88 28.65 -25.55
CA THR B 233 0.02 29.69 -25.98
C THR B 233 1.15 29.10 -26.83
N PRO B 234 1.85 29.94 -27.59
CA PRO B 234 3.05 29.41 -28.25
C PRO B 234 4.06 28.86 -27.25
N GLN B 235 4.22 29.56 -26.11
CA GLN B 235 5.22 29.16 -25.11
C GLN B 235 4.90 27.78 -24.53
N GLU B 236 3.63 27.53 -24.18
CA GLU B 236 3.26 26.27 -23.55
C GLU B 236 3.35 25.12 -24.54
N ARG B 237 2.91 25.35 -25.78
CA ARG B 237 3.02 24.32 -26.80
C ARG B 237 4.48 23.98 -27.09
N GLN B 238 5.36 24.98 -27.12
CA GLN B 238 6.80 24.73 -27.26
C GLN B 238 7.34 23.91 -26.09
N GLY B 239 6.96 24.27 -24.86
CA GLY B 239 7.38 23.51 -23.70
C GLY B 239 7.07 22.03 -23.82
N PHE B 240 5.86 21.69 -24.29
CA PHE B 240 5.49 20.30 -24.47
C PHE B 240 6.34 19.66 -25.55
N GLY B 241 6.51 20.36 -26.69
CA GLY B 241 7.41 19.87 -27.72
C GLY B 241 8.81 19.61 -27.19
N GLU B 242 9.33 20.53 -26.39
CA GLU B 242 10.67 20.33 -25.80
C GLU B 242 10.68 19.19 -24.79
N LEU B 243 9.63 19.09 -23.96
CA LEU B 243 9.49 17.91 -23.10
C LEU B 243 9.58 16.64 -23.94
N LEU B 244 8.86 16.61 -25.06
CA LEU B 244 8.89 15.42 -25.90
C LEU B 244 10.28 15.19 -26.50
N GLN B 245 10.98 16.25 -26.92
CA GLN B 245 12.30 16.04 -27.56
C GLN B 245 13.39 15.72 -26.53
N ALA B 246 13.43 16.46 -25.42
CA ALA B 246 14.59 16.38 -24.51
C ALA B 246 14.66 15.06 -23.74
N VAL B 247 13.53 14.48 -23.35
CA VAL B 247 13.63 13.42 -22.35
C VAL B 247 14.19 12.10 -22.90
N PRO B 248 13.72 11.60 -24.06
CA PRO B 248 12.57 11.87 -24.93
C PRO B 248 11.35 11.06 -24.48
N LEU B 249 10.16 11.51 -24.87
CA LEU B 249 8.94 10.78 -24.57
C LEU B 249 8.08 10.74 -25.81
N ALA B 250 7.16 9.77 -25.83
CA ALA B 250 6.16 9.65 -26.87
C ALA B 250 4.77 9.87 -26.26
N ASP B 251 3.95 10.66 -26.94
CA ASP B 251 2.55 10.86 -26.53
C ASP B 251 1.74 9.60 -26.85
N SER B 252 1.36 8.84 -25.81
CA SER B 252 0.86 7.48 -26.01
C SER B 252 -0.36 7.47 -26.92
N PHE B 253 -1.32 8.35 -26.63
CA PHE B 253 -2.57 8.36 -27.39
C PHE B 253 -2.31 8.77 -28.85
N ARG B 254 -1.53 9.82 -29.08
CA ARG B 254 -1.29 10.25 -30.44
C ARG B 254 -0.44 9.24 -31.20
N HIS B 255 0.45 8.51 -30.51
CA HIS B 255 1.16 7.42 -31.15
C HIS B 255 0.21 6.42 -31.79
N LEU B 256 -0.87 6.08 -31.10
CA LEU B 256 -1.82 5.10 -31.60
C LEU B 256 -2.88 5.71 -32.50
N TYR B 257 -3.22 6.98 -32.29
CA TYR B 257 -4.36 7.63 -32.95
C TYR B 257 -3.92 8.96 -33.55
N PRO B 258 -2.93 8.95 -34.47
CA PRO B 258 -2.35 10.20 -34.94
C PRO B 258 -3.33 11.13 -35.62
N ASN B 259 -4.40 10.59 -36.23
CA ASN B 259 -5.33 11.36 -37.05
C ASN B 259 -6.68 11.59 -36.39
N THR B 260 -6.92 11.05 -35.21
CA THR B 260 -8.25 11.09 -34.61
C THR B 260 -8.49 12.44 -33.95
N PRO B 261 -9.48 13.23 -34.43
CA PRO B 261 -9.77 14.51 -33.77
C PRO B 261 -10.90 14.38 -32.76
N TYR B 262 -11.23 15.48 -32.09
CA TYR B 262 -12.40 15.55 -31.20
C TYR B 262 -12.23 14.73 -29.93
N ALA B 263 -10.99 14.34 -29.57
CA ALA B 263 -10.74 13.48 -28.43
C ALA B 263 -10.18 14.35 -27.31
N TYR B 264 -10.98 14.62 -26.29
CA TYR B 264 -10.59 15.56 -25.26
C TYR B 264 -10.69 14.93 -23.86
N THR B 265 -10.05 15.56 -22.89
CA THR B 265 -10.16 15.10 -21.52
C THR B 265 -10.63 16.18 -20.59
N PHE B 266 -10.89 17.37 -21.07
CA PHE B 266 -11.35 18.45 -20.23
C PHE B 266 -12.39 19.27 -20.97
N TRP B 267 -13.46 19.67 -20.27
CA TRP B 267 -14.46 20.58 -20.80
C TRP B 267 -14.79 21.57 -19.70
N THR B 268 -14.85 22.86 -20.04
CA THR B 268 -15.27 23.82 -19.03
C THR B 268 -16.66 23.44 -18.54
N TYR B 269 -16.87 23.61 -17.24
CA TYR B 269 -18.18 23.39 -16.64
C TYR B 269 -19.24 24.29 -17.26
N MET B 270 -18.84 25.40 -17.89
CA MET B 270 -19.77 26.42 -18.35
C MET B 270 -20.21 26.17 -19.79
N MET B 271 -21.33 26.82 -20.15
CA MET B 271 -21.84 26.86 -21.52
C MET B 271 -22.10 25.46 -22.07
N ASN B 272 -22.43 24.55 -21.16
CA ASN B 272 -22.52 23.11 -21.38
C ASN B 272 -21.51 22.58 -22.39
N ALA B 273 -20.25 23.01 -22.25
CA ALA B 273 -19.21 22.55 -23.17
C ALA B 273 -19.17 21.03 -23.26
N ARG B 274 -19.33 20.34 -22.13
CA ARG B 274 -19.15 18.89 -22.15
C ARG B 274 -20.16 18.21 -23.07
N SER B 275 -21.41 18.65 -23.06
CA SER B 275 -22.34 17.94 -23.94
C SER B 275 -22.11 18.26 -25.39
N LYS B 276 -21.55 19.44 -25.70
CA LYS B 276 -21.20 19.80 -27.07
C LYS B 276 -19.81 19.29 -27.47
N ASN B 277 -19.06 18.69 -26.56
CA ASN B 277 -17.68 18.24 -26.79
C ASN B 277 -16.80 19.39 -27.26
N VAL B 278 -16.98 20.55 -26.62
CA VAL B 278 -16.05 21.65 -26.76
C VAL B 278 -15.01 21.47 -25.65
N GLY B 279 -13.95 20.74 -25.98
CA GLY B 279 -13.01 20.29 -24.97
C GLY B 279 -11.58 20.44 -25.39
N TRP B 280 -10.69 20.07 -24.46
CA TRP B 280 -9.25 20.08 -24.63
C TRP B 280 -8.69 18.73 -24.17
N ARG B 281 -7.58 18.33 -24.79
CA ARG B 281 -6.87 17.14 -24.38
C ARG B 281 -5.70 17.68 -23.56
N LEU B 282 -5.94 17.77 -22.25
CA LEU B 282 -4.94 18.24 -21.31
C LEU B 282 -4.27 17.12 -20.53
N ASP B 283 -4.82 15.91 -20.56
CA ASP B 283 -4.37 14.79 -19.74
C ASP B 283 -3.78 13.71 -20.63
N TYR B 284 -2.59 13.23 -20.24
CA TYR B 284 -1.72 12.45 -21.10
C TYR B 284 -1.07 11.30 -20.33
N PHE B 285 -0.77 10.23 -21.05
CA PHE B 285 0.31 9.30 -20.72
C PHE B 285 1.44 9.50 -21.73
N LEU B 286 2.58 9.95 -21.27
CA LEU B 286 3.79 9.99 -22.07
C LEU B 286 4.71 8.82 -21.69
N LEU B 287 5.38 8.23 -22.69
CA LEU B 287 6.17 7.00 -22.51
C LEU B 287 7.57 7.14 -23.10
N SER B 288 8.55 6.50 -22.45
CA SER B 288 9.87 6.32 -23.05
C SER B 288 9.75 5.48 -24.32
N HIS B 289 10.67 5.71 -25.28
CA HIS B 289 10.57 5.00 -26.54
CA HIS B 289 10.57 4.98 -26.54
C HIS B 289 10.63 3.48 -26.32
N SER B 290 11.36 3.04 -25.30
CA SER B 290 11.51 1.60 -25.11
C SER B 290 10.23 0.94 -24.65
N LEU B 291 9.23 1.71 -24.26
CA LEU B 291 7.96 1.14 -23.84
C LEU B 291 6.93 1.08 -24.96
N LEU B 292 7.23 1.67 -26.11
CA LEU B 292 6.35 1.52 -27.27
C LEU B 292 6.03 0.06 -27.58
N PRO B 293 6.98 -0.90 -27.50
CA PRO B 293 6.58 -2.29 -27.74
C PRO B 293 5.64 -2.86 -26.68
N ALA B 294 5.59 -2.26 -25.49
CA ALA B 294 4.68 -2.72 -24.45
C ALA B 294 3.32 -2.03 -24.52
N LEU B 295 3.20 -0.97 -25.29
CA LEU B 295 1.98 -0.16 -25.32
C LEU B 295 0.84 -0.94 -25.96
N CYS B 296 -0.19 -1.32 -25.17
CA CYS B 296 -1.37 -1.98 -25.71
C CYS B 296 -2.46 -1.00 -26.14
N ASP B 297 -2.74 0.01 -25.33
CA ASP B 297 -3.75 0.99 -25.67
C ASP B 297 -3.64 2.14 -24.67
N SER B 298 -4.21 3.28 -25.06
CA SER B 298 -4.22 4.47 -24.24
C SER B 298 -5.61 5.06 -24.41
N LYS B 299 -6.41 5.08 -23.35
CA LYS B 299 -7.85 5.32 -23.41
C LYS B 299 -8.22 6.72 -22.93
N ILE B 300 -9.41 7.16 -23.33
CA ILE B 300 -10.05 8.39 -22.84
C ILE B 300 -11.46 8.00 -22.37
N ARG B 301 -11.71 8.08 -21.06
CA ARG B 301 -12.99 7.60 -20.51
C ARG B 301 -13.99 8.76 -20.45
N SER B 302 -14.44 9.18 -21.64
CA SER B 302 -15.22 10.43 -21.74
C SER B 302 -16.54 10.36 -20.99
N LYS B 303 -17.07 9.15 -20.77
CA LYS B 303 -18.39 9.04 -20.13
C LYS B 303 -18.32 9.11 -18.61
N ALA B 304 -17.13 9.09 -18.01
CA ALA B 304 -17.04 9.00 -16.56
C ALA B 304 -17.15 10.41 -15.95
N LEU B 305 -18.18 10.62 -15.11
CA LEU B 305 -18.45 11.94 -14.54
C LEU B 305 -17.76 12.11 -13.20
N GLY B 306 -17.89 13.31 -12.62
CA GLY B 306 -17.32 13.62 -11.33
C GLY B 306 -16.38 14.80 -11.30
N SER B 307 -16.01 15.33 -12.46
CA SER B 307 -14.98 16.35 -12.55
C SER B 307 -15.21 17.06 -13.87
N ASP B 308 -14.53 18.19 -14.05
CA ASP B 308 -14.46 18.77 -15.40
C ASP B 308 -13.34 18.17 -16.24
N HIS B 309 -12.57 17.21 -15.70
CA HIS B 309 -11.80 16.28 -16.52
C HIS B 309 -12.38 14.88 -16.39
N CYS B 310 -12.03 14.04 -17.35
CA CYS B 310 -12.41 12.64 -17.35
C CYS B 310 -11.18 11.77 -17.17
N PRO B 311 -11.34 10.53 -16.72
CA PRO B 311 -10.18 9.66 -16.56
C PRO B 311 -9.53 9.35 -17.89
N ILE B 312 -8.27 8.91 -17.82
CA ILE B 312 -7.58 8.29 -18.94
C ILE B 312 -6.93 7.03 -18.40
N THR B 313 -6.80 6.03 -19.24
CA THR B 313 -6.31 4.75 -18.79
C THR B 313 -5.33 4.18 -19.80
N LEU B 314 -4.22 3.66 -19.28
CA LEU B 314 -3.12 3.10 -20.06
C LEU B 314 -3.06 1.59 -19.82
N TYR B 315 -2.87 0.81 -20.89
CA TYR B 315 -2.56 -0.60 -20.79
C TYR B 315 -1.17 -0.89 -21.35
N LEU B 316 -0.34 -1.52 -20.55
CA LEU B 316 1.01 -1.91 -20.93
C LEU B 316 1.19 -3.39 -20.71
N ALA B 317 1.94 -4.01 -21.59
CA ALA B 317 2.27 -5.42 -21.46
C ALA B 317 3.74 -5.47 -21.03
N LEU B 318 3.94 -5.75 -19.75
CA LEU B 318 5.26 -5.69 -19.13
C LEU B 318 5.71 -7.05 -18.67
O5' DV3 C 11 14.66 -11.55 17.64
O5' DV3 C 11 14.55 -11.49 17.60
P DV3 C 11 14.45 -11.43 16.00
P DV3 C 11 14.45 -11.26 15.97
SP3 DV3 C 11 13.42 -9.56 15.74
SP3 DV3 C 11 13.35 -12.83 15.03
OP2 DV3 C 11 13.63 -9.83 15.77
OP3 DV3 C 11 13.46 -12.64 15.40
C2' DV3 C 11 15.44 -12.75 21.84
C2' DV3 C 11 15.40 -12.72 21.83
C5' DV3 C 11 15.31 -12.57 18.35
C5' DV3 C 11 15.33 -12.44 18.24
C4' DV3 C 11 15.68 -11.88 19.62
C4' DV3 C 11 15.56 -11.86 19.60
O4' DV3 C 11 14.70 -11.17 20.09
O4' DV3 C 11 14.53 -11.21 20.05
C1' DV3 C 11 14.59 -11.47 21.61
C1' DV3 C 11 14.44 -11.52 21.56
C3' DV3 C 11 16.22 -12.89 20.80
C3' DV3 C 11 16.02 -12.95 20.72
O3' DV3 C 11 17.60 -12.63 21.13
O3' DV3 C 11 17.41 -12.70 20.91
C1 EDO E . 8.67 -27.64 22.42
O1 EDO E . 9.30 -28.71 23.14
C2 EDO E . 9.63 -27.11 21.35
O2 EDO E . 9.97 -28.17 20.45
C1 EDO F . 5.16 -4.30 22.66
O1 EDO F . 4.81 -3.84 24.00
C2 EDO F . 4.38 -3.48 21.66
O2 EDO F . 4.82 -2.12 21.59
C1 EDO G . 5.55 19.88 -18.82
O1 EDO G . 6.20 21.03 -18.27
C2 EDO G . 4.48 20.35 -19.81
O2 EDO G . 5.13 20.95 -20.95
#